data_3D33
#
_entry.id   3D33
#
_cell.length_a   44.562
_cell.length_b   55.179
_cell.length_c   47.116
_cell.angle_alpha   90.000
_cell.angle_beta   94.310
_cell.angle_gamma   90.000
#
_symmetry.space_group_name_H-M   'P 1 21 1'
#
loop_
_entity.id
_entity.type
_entity.pdbx_description
1 polymer 'Domain of Unknown Function with an Immunoglobulin-like Beta-sandwich Fold'
2 water water
#
_entity_poly.entity_id   1
_entity_poly.type   'polypeptide(L)'
_entity_poly.pdbx_seq_one_letter_code
;GANTTETPVKDVELDGRWDDPIRSAATNCPITVFTDGYLLTLKNASPDRD(MSE)TIRITD(MSE)AKGGVVYENDIPEV
QSAYITISIANFPAEEYKLEITGTPSGHLTGYFTKE
;
_entity_poly.pdbx_strand_id   A,B
#
# COMPACT_ATOMS: atom_id res chain seq x y z
N PRO A 8 7.40 22.64 16.22
CA PRO A 8 8.10 22.07 15.07
C PRO A 8 7.12 21.48 14.05
N VAL A 9 7.65 20.98 12.96
CA VAL A 9 6.82 20.32 11.96
C VAL A 9 6.40 18.97 12.52
N LYS A 10 5.35 18.41 11.93
CA LYS A 10 4.77 17.16 12.38
C LYS A 10 5.24 16.03 11.47
N ASP A 11 5.89 15.03 12.05
CA ASP A 11 6.33 13.86 11.31
C ASP A 11 5.13 13.05 10.84
N VAL A 12 5.16 12.60 9.59
CA VAL A 12 4.19 11.62 9.10
C VAL A 12 4.97 10.30 8.98
N GLU A 13 4.79 9.44 9.97
CA GLU A 13 5.54 8.20 10.03
CA GLU A 13 5.56 8.21 10.02
C GLU A 13 5.20 7.29 8.86
N LEU A 14 6.21 6.70 8.24
CA LEU A 14 5.98 5.81 7.12
C LEU A 14 6.39 4.39 7.47
N ASP A 15 5.58 3.43 7.06
CA ASP A 15 5.86 2.00 7.23
C ASP A 15 5.83 1.29 5.89
N GLY A 16 6.71 0.31 5.70
CA GLY A 16 6.72 -0.46 4.48
C GLY A 16 8.09 -0.97 4.17
N ARG A 17 8.36 -1.05 2.87
CA ARG A 17 9.57 -1.63 2.37
C ARG A 17 10.04 -0.73 1.26
N TRP A 18 11.31 -0.38 1.27
CA TRP A 18 11.88 0.49 0.24
C TRP A 18 13.28 -0.06 0.01
N ASP A 19 13.36 -1.16 -0.74
CA ASP A 19 14.61 -1.93 -0.90
C ASP A 19 15.69 -1.13 -1.63
N ASP A 20 16.94 -1.54 -1.40
CA ASP A 20 18.11 -1.11 -2.20
C ASP A 20 18.58 0.27 -1.77
N ASN A 28 18.48 3.18 7.47
CA ASN A 28 17.49 4.25 7.55
C ASN A 28 16.78 4.47 6.20
N CYS A 29 15.46 4.43 6.22
CA CYS A 29 14.67 4.69 5.02
C CYS A 29 14.99 6.07 4.47
N PRO A 30 15.25 6.17 3.15
CA PRO A 30 15.55 7.49 2.58
C PRO A 30 14.38 8.46 2.44
N ILE A 31 13.15 7.96 2.54
CA ILE A 31 11.96 8.79 2.36
C ILE A 31 11.42 9.24 3.72
N THR A 32 11.24 10.55 3.90
CA THR A 32 10.57 11.08 5.09
C THR A 32 9.56 12.14 4.66
N VAL A 33 8.51 12.30 5.46
CA VAL A 33 7.43 13.22 5.17
C VAL A 33 7.10 13.99 6.47
N PHE A 34 6.82 15.29 6.32
CA PHE A 34 6.28 16.11 7.44
C PHE A 34 5.23 17.07 6.94
N THR A 35 4.40 17.57 7.85
CA THR A 35 3.46 18.63 7.52
C THR A 35 3.75 19.85 8.43
N ASP A 36 3.63 21.03 7.84
CA ASP A 36 3.94 22.32 8.48
C ASP A 36 2.79 23.20 8.07
N GLY A 37 1.87 23.37 9.01
CA GLY A 37 0.54 23.82 8.67
C GLY A 37 -0.05 22.84 7.65
N TYR A 38 -0.51 23.42 6.52
CA TYR A 38 -1.21 22.71 5.45
C TYR A 38 -0.34 22.45 4.21
N LEU A 39 0.97 22.39 4.41
CA LEU A 39 1.85 21.94 3.36
C LEU A 39 2.50 20.67 3.86
N LEU A 40 2.42 19.63 3.02
CA LEU A 40 3.07 18.37 3.24
C LEU A 40 4.38 18.36 2.43
N THR A 41 5.49 17.96 3.04
CA THR A 41 6.76 17.91 2.34
C THR A 41 7.31 16.50 2.40
N LEU A 42 7.68 15.98 1.23
CA LEU A 42 8.37 14.72 1.12
C LEU A 42 9.81 14.94 0.69
N LYS A 43 10.72 14.29 1.38
CA LYS A 43 12.13 14.29 0.99
C LYS A 43 12.61 12.88 0.77
N ASN A 44 13.51 12.73 -0.18
CA ASN A 44 14.07 11.44 -0.55
C ASN A 44 15.58 11.64 -0.61
N ALA A 45 16.30 11.04 0.34
CA ALA A 45 17.74 11.25 0.48
C ALA A 45 18.55 10.46 -0.55
N SER A 46 17.92 9.57 -1.28
CA SER A 46 18.63 8.72 -2.25
CA SER A 46 18.63 8.73 -2.26
C SER A 46 17.74 8.48 -3.47
N PRO A 47 17.51 9.54 -4.29
CA PRO A 47 16.64 9.40 -5.47
C PRO A 47 17.19 8.33 -6.39
N ASP A 48 16.37 7.34 -6.74
CA ASP A 48 16.90 6.19 -7.49
C ASP A 48 15.83 5.40 -8.24
N ARG A 49 14.60 5.88 -8.25
CA ARG A 49 13.55 5.19 -8.96
C ARG A 49 12.39 6.15 -9.21
N ASP A 50 11.60 5.87 -10.25
CA ASP A 50 10.35 6.61 -10.46
C ASP A 50 9.43 6.31 -9.27
N MSE A 51 8.64 7.33 -8.91
CA MSE A 51 7.76 7.22 -7.75
CA MSE A 51 7.80 7.30 -7.71
C MSE A 51 6.34 7.65 -8.07
O MSE A 51 6.08 8.39 -9.04
CB MSE A 51 8.24 8.10 -6.60
CB MSE A 51 8.40 8.31 -6.70
CG MSE A 51 9.60 7.79 -6.05
CG MSE A 51 7.60 8.64 -5.44
SE MSE A 51 9.85 8.88 -4.43
SE MSE A 51 8.57 9.98 -4.32
CE MSE A 51 8.80 10.58 -4.97
CE MSE A 51 9.62 8.79 -3.21
N THR A 52 5.40 7.14 -7.30
CA THR A 52 4.01 7.59 -7.34
C THR A 52 3.60 7.94 -5.94
N ILE A 53 2.93 9.09 -5.77
CA ILE A 53 2.39 9.50 -4.47
C ILE A 53 0.86 9.51 -4.66
N ARG A 54 0.16 8.87 -3.73
CA ARG A 54 -1.30 8.82 -3.77
C ARG A 54 -1.84 9.15 -2.37
N ILE A 55 -2.83 10.03 -2.31
CA ILE A 55 -3.46 10.38 -1.07
C ILE A 55 -4.94 10.03 -1.21
N THR A 56 -5.46 9.28 -0.25
CA THR A 56 -6.82 8.72 -0.25
C THR A 56 -7.58 9.07 1.05
N ASP A 57 -8.80 9.58 0.93
CA ASP A 57 -9.58 9.92 2.13
C ASP A 57 -10.09 8.64 2.79
N MSE A 58 -10.13 8.64 4.11
CA MSE A 58 -10.51 7.43 4.84
CA MSE A 58 -10.52 7.45 4.90
C MSE A 58 -12.02 7.25 5.10
O MSE A 58 -12.44 6.18 5.58
CB MSE A 58 -9.73 7.37 6.14
CB MSE A 58 -9.88 7.54 6.27
CG MSE A 58 -8.25 7.24 5.88
CG MSE A 58 -8.39 7.53 6.22
SE MSE A 58 -7.77 5.44 5.39
SE MSE A 58 -7.63 5.76 6.20
CE MSE A 58 -8.08 4.66 7.36
CE MSE A 58 -7.93 5.10 4.44
N ALA A 59 -12.82 8.25 4.74
CA ALA A 59 -14.28 8.18 4.87
C ALA A 59 -14.93 7.46 3.70
N LYS A 60 -14.47 7.74 2.49
CA LYS A 60 -15.03 7.13 1.29
C LYS A 60 -14.04 6.31 0.46
N GLY A 61 -12.74 6.45 0.76
CA GLY A 61 -11.70 5.71 0.04
C GLY A 61 -11.43 6.33 -1.33
N GLY A 62 -11.79 7.61 -1.47
CA GLY A 62 -11.50 8.39 -2.69
C GLY A 62 -10.10 8.97 -2.74
N VAL A 63 -9.48 8.84 -3.92
CA VAL A 63 -8.17 9.44 -4.14
C VAL A 63 -8.34 10.92 -4.44
N VAL A 64 -7.68 11.74 -3.62
CA VAL A 64 -7.77 13.20 -3.75
C VAL A 64 -6.53 13.75 -4.48
N TYR A 65 -5.45 12.94 -4.54
CA TYR A 65 -4.20 13.38 -5.12
C TYR A 65 -3.46 12.16 -5.63
N GLU A 66 -3.02 12.19 -6.88
CA GLU A 66 -2.07 11.17 -7.37
CA GLU A 66 -2.14 11.16 -7.45
C GLU A 66 -1.11 11.83 -8.34
N ASN A 67 0.16 11.51 -8.17
CA ASN A 67 1.22 12.12 -8.94
C ASN A 67 2.31 11.08 -9.23
N ASP A 68 2.61 10.90 -10.51
CA ASP A 68 3.72 10.04 -10.97
C ASP A 68 4.94 10.92 -11.13
N ILE A 69 5.95 10.67 -10.30
CA ILE A 69 7.10 11.55 -10.20
C ILE A 69 8.34 10.87 -10.78
N PRO A 70 8.91 11.42 -11.86
CA PRO A 70 10.11 10.76 -12.39
C PRO A 70 11.27 10.81 -11.41
N GLU A 71 12.15 9.81 -11.50
CA GLU A 71 13.28 9.67 -10.58
C GLU A 71 14.01 10.98 -10.41
N VAL A 72 14.26 11.68 -11.52
CA VAL A 72 15.05 12.91 -11.46
C VAL A 72 14.40 13.98 -10.59
N GLN A 73 13.07 13.95 -10.48
CA GLN A 73 12.33 14.92 -9.67
C GLN A 73 11.91 14.41 -8.28
N SER A 74 12.38 13.22 -7.91
CA SER A 74 11.89 12.53 -6.72
C SER A 74 12.54 12.90 -5.39
N ALA A 75 13.53 13.82 -5.39
CA ALA A 75 14.22 14.19 -4.15
C ALA A 75 13.37 15.00 -3.15
N TYR A 76 12.36 15.69 -3.66
CA TYR A 76 11.65 16.74 -2.91
C TYR A 76 10.35 17.11 -3.60
N ILE A 77 9.26 17.04 -2.85
CA ILE A 77 7.91 17.27 -3.36
C ILE A 77 7.17 17.98 -2.23
N THR A 78 6.46 19.05 -2.57
CA THR A 78 5.47 19.61 -1.63
C THR A 78 4.05 19.46 -2.16
N ILE A 79 3.15 19.24 -1.22
CA ILE A 79 1.74 19.03 -1.54
C ILE A 79 0.91 19.89 -0.59
N SER A 80 0.08 20.77 -1.15
CA SER A 80 -0.85 21.56 -0.33
C SER A 80 -2.03 20.71 0.03
N ILE A 81 -2.28 20.58 1.33
CA ILE A 81 -3.46 19.87 1.82
C ILE A 81 -4.56 20.85 2.28
N ALA A 82 -4.35 22.13 1.98
CA ALA A 82 -5.17 23.21 2.53
C ALA A 82 -6.63 23.14 2.06
N ASN A 83 -6.85 22.61 0.87
CA ASN A 83 -8.21 22.50 0.33
C ASN A 83 -8.75 21.06 0.31
N PHE A 84 -8.08 20.13 0.99
CA PHE A 84 -8.71 18.87 1.31
C PHE A 84 -9.70 19.04 2.44
N PRO A 85 -10.85 18.34 2.38
CA PRO A 85 -11.74 18.35 3.53
C PRO A 85 -11.08 17.86 4.80
N ALA A 86 -11.56 18.38 5.93
CA ALA A 86 -11.17 17.91 7.23
C ALA A 86 -11.50 16.42 7.35
N GLU A 87 -10.49 15.59 7.49
CA GLU A 87 -10.65 14.15 7.40
C GLU A 87 -9.26 13.54 7.63
N GLU A 88 -9.21 12.23 7.91
CA GLU A 88 -7.94 11.50 7.89
C GLU A 88 -7.69 10.98 6.50
N TYR A 89 -6.42 11.01 6.11
CA TYR A 89 -5.96 10.59 4.79
C TYR A 89 -4.88 9.53 4.90
N LYS A 90 -4.90 8.59 3.97
CA LYS A 90 -3.80 7.62 3.76
C LYS A 90 -2.87 8.17 2.69
N LEU A 91 -1.59 8.17 3.01
CA LEU A 91 -0.52 8.57 2.12
C LEU A 91 0.30 7.35 1.70
N GLU A 92 0.40 7.15 0.40
CA GLU A 92 1.19 6.03 -0.12
C GLU A 92 2.22 6.55 -1.07
N ILE A 93 3.45 6.05 -0.92
CA ILE A 93 4.54 6.36 -1.82
C ILE A 93 5.00 5.03 -2.37
N THR A 94 4.93 4.87 -3.67
CA THR A 94 5.33 3.63 -4.30
C THR A 94 6.44 3.86 -5.31
N GLY A 95 7.34 2.90 -5.42
CA GLY A 95 8.43 2.97 -6.36
C GLY A 95 8.23 2.01 -7.49
N THR A 96 8.77 2.36 -8.66
CA THR A 96 8.85 1.42 -9.78
C THR A 96 10.32 1.04 -10.04
N PRO A 97 10.62 -0.28 -10.12
CA PRO A 97 9.66 -1.41 -10.04
C PRO A 97 9.17 -1.83 -8.65
N SER A 98 9.82 -1.36 -7.58
CA SER A 98 9.41 -1.76 -6.22
C SER A 98 9.57 -0.63 -5.22
N GLY A 99 9.00 -0.86 -4.05
CA GLY A 99 8.97 0.15 -2.98
C GLY A 99 7.55 0.55 -2.64
N HIS A 100 7.20 0.50 -1.36
CA HIS A 100 5.84 0.85 -0.97
C HIS A 100 5.83 1.24 0.48
N LEU A 101 5.54 2.52 0.71
CA LEU A 101 5.50 3.09 2.04
C LEU A 101 4.14 3.73 2.25
N THR A 102 3.63 3.58 3.46
CA THR A 102 2.31 4.11 3.80
C THR A 102 2.37 4.87 5.12
N GLY A 103 1.66 5.99 5.15
CA GLY A 103 1.45 6.76 6.37
C GLY A 103 0.05 7.36 6.38
N TYR A 104 -0.28 7.98 7.49
CA TYR A 104 -1.59 8.55 7.68
C TYR A 104 -1.44 9.92 8.31
N PHE A 105 -2.32 10.82 7.91
CA PHE A 105 -2.34 12.14 8.52
C PHE A 105 -3.76 12.68 8.53
N THR A 106 -4.01 13.63 9.43
CA THR A 106 -5.33 14.22 9.58
C THR A 106 -5.28 15.72 9.24
N LYS A 107 -6.15 16.13 8.32
CA LYS A 107 -6.35 17.54 8.03
CA LYS A 107 -6.39 17.54 8.00
C LYS A 107 -7.44 18.08 8.96
N GLU A 108 -7.10 19.15 9.68
CA GLU A 108 -8.03 19.74 10.62
C GLU A 108 -8.62 21.00 10.01
N PRO B 8 1.16 -28.67 5.84
CA PRO B 8 2.07 -27.54 6.08
C PRO B 8 1.96 -26.44 5.02
N VAL B 9 1.77 -25.21 5.47
CA VAL B 9 1.66 -24.04 4.59
C VAL B 9 2.69 -23.03 5.09
N LYS B 10 2.87 -21.96 4.31
CA LYS B 10 3.69 -20.82 4.66
C LYS B 10 2.83 -19.58 4.82
N ASP B 11 2.90 -18.94 5.98
CA ASP B 11 2.18 -17.70 6.23
C ASP B 11 2.80 -16.60 5.42
N VAL B 12 1.94 -15.70 4.95
CA VAL B 12 2.35 -14.48 4.30
C VAL B 12 2.03 -13.38 5.31
N GLU B 13 3.07 -12.85 5.93
CA GLU B 13 2.89 -11.88 6.99
CA GLU B 13 2.89 -11.88 6.99
C GLU B 13 2.33 -10.61 6.38
N LEU B 14 1.35 -10.02 7.07
CA LEU B 14 0.72 -8.81 6.57
C LEU B 14 0.95 -7.68 7.56
N ASP B 15 1.24 -6.50 7.05
CA ASP B 15 1.45 -5.31 7.89
C ASP B 15 0.56 -4.21 7.38
N GLY B 16 0.03 -3.38 8.27
CA GLY B 16 -0.85 -2.33 7.82
C GLY B 16 -1.86 -2.00 8.86
N ARG B 17 -2.94 -1.41 8.39
CA ARG B 17 -3.99 -0.90 9.25
C ARG B 17 -5.27 -1.48 8.70
N TRP B 18 -6.07 -2.10 9.57
CA TRP B 18 -7.37 -2.63 9.17
C TRP B 18 -8.36 -2.22 10.26
N ASP B 19 -8.80 -0.96 10.23
CA ASP B 19 -9.66 -0.40 11.29
C ASP B 19 -10.97 -1.17 11.32
N ASN B 28 -6.27 -7.98 17.04
CA ASN B 28 -5.99 -9.16 16.23
C ASN B 28 -6.58 -8.97 14.84
N CYS B 29 -5.71 -8.69 13.87
CA CYS B 29 -6.13 -8.50 12.49
C CYS B 29 -6.96 -9.67 11.99
N PRO B 30 -8.13 -9.41 11.38
CA PRO B 30 -8.98 -10.53 10.90
C PRO B 30 -8.52 -11.23 9.63
N ILE B 31 -7.59 -10.61 8.92
CA ILE B 31 -7.14 -11.10 7.60
C ILE B 31 -5.84 -11.88 7.77
N THR B 32 -5.82 -13.12 7.28
CA THR B 32 -4.59 -13.89 7.23
C THR B 32 -4.46 -14.52 5.84
N VAL B 33 -3.22 -14.74 5.42
CA VAL B 33 -2.90 -15.31 4.13
C VAL B 33 -1.82 -16.38 4.30
N PHE B 34 -1.98 -17.48 3.61
CA PHE B 34 -0.91 -18.47 3.46
C PHE B 34 -0.78 -19.01 2.05
N THR B 35 0.37 -19.61 1.75
CA THR B 35 0.54 -20.33 0.47
C THR B 35 0.85 -21.80 0.74
N ASP B 36 0.20 -22.69 -0.03
CA ASP B 36 0.32 -24.17 0.09
C ASP B 36 0.57 -24.64 -1.31
N GLY B 37 1.86 -24.82 -1.62
CA GLY B 37 2.30 -25.00 -2.99
C GLY B 37 2.00 -23.74 -3.81
N TYR B 38 1.18 -23.90 -4.84
CA TYR B 38 0.86 -22.83 -5.78
C TYR B 38 -0.52 -22.23 -5.60
N LEU B 39 -1.11 -22.38 -4.42
CA LEU B 39 -2.38 -21.76 -4.12
C LEU B 39 -2.18 -20.81 -2.95
N LEU B 40 -2.61 -19.58 -3.14
CA LEU B 40 -2.65 -18.61 -2.05
C LEU B 40 -4.07 -18.59 -1.48
N THR B 41 -4.17 -18.63 -0.14
CA THR B 41 -5.46 -18.64 0.55
C THR B 41 -5.53 -17.43 1.46
N LEU B 42 -6.59 -16.64 1.30
CA LEU B 42 -6.93 -15.54 2.19
C LEU B 42 -8.20 -15.85 2.96
N LYS B 43 -8.13 -15.65 4.27
CA LYS B 43 -9.32 -15.74 5.12
C LYS B 43 -9.53 -14.46 5.87
N ASN B 44 -10.80 -14.12 6.06
CA ASN B 44 -11.22 -12.93 6.76
C ASN B 44 -12.21 -13.38 7.83
N ALA B 45 -11.78 -13.28 9.09
CA ALA B 45 -12.54 -13.72 10.25
C ALA B 45 -13.70 -12.80 10.58
N SER B 46 -13.73 -11.60 10.00
CA SER B 46 -14.78 -10.61 10.30
CA SER B 46 -14.80 -10.63 10.30
C SER B 46 -15.19 -9.84 9.04
N PRO B 47 -15.85 -10.54 8.07
CA PRO B 47 -16.24 -9.88 6.81
C PRO B 47 -17.12 -8.65 7.11
N ASP B 48 -16.67 -7.48 6.66
CA ASP B 48 -17.41 -6.24 7.01
C ASP B 48 -17.25 -5.09 6.01
N ARG B 49 -16.60 -5.34 4.88
CA ARG B 49 -16.37 -4.31 3.92
C ARG B 49 -16.03 -4.92 2.58
N ASP B 50 -16.31 -4.20 1.50
CA ASP B 50 -15.80 -4.61 0.19
C ASP B 50 -14.28 -4.53 0.21
N MSE B 51 -13.64 -5.42 -0.55
CA MSE B 51 -12.19 -5.56 -0.54
CA MSE B 51 -12.20 -5.60 -0.52
C MSE B 51 -11.66 -5.57 -1.96
O MSE B 51 -12.40 -5.84 -2.92
CB MSE B 51 -11.75 -6.86 0.14
CB MSE B 51 -11.91 -6.92 0.24
CG MSE B 51 -12.11 -7.00 1.58
CG MSE B 51 -10.57 -7.60 0.04
SE MSE B 51 -11.19 -8.56 2.28
SE MSE B 51 -10.53 -9.42 0.91
CE MSE B 51 -11.58 -9.96 0.79
CE MSE B 51 -10.57 -8.89 2.67
N THR B 52 -10.38 -5.25 -2.10
CA THR B 52 -9.67 -5.40 -3.36
C THR B 52 -8.37 -6.14 -3.03
N ILE B 53 -8.01 -7.12 -3.83
CA ILE B 53 -6.74 -7.79 -3.72
C ILE B 53 -5.97 -7.49 -4.99
N ARG B 54 -4.69 -7.12 -4.81
CA ARG B 54 -3.83 -6.78 -5.93
C ARG B 54 -2.47 -7.42 -5.72
N ILE B 55 -1.97 -8.08 -6.73
CA ILE B 55 -0.63 -8.68 -6.67
C ILE B 55 0.25 -8.07 -7.75
N THR B 56 1.45 -7.62 -7.36
CA THR B 56 2.36 -6.88 -8.21
C THR B 56 3.75 -7.52 -8.20
N ASP B 57 4.33 -7.73 -9.38
CA ASP B 57 5.64 -8.39 -9.46
C ASP B 57 6.68 -7.33 -9.08
N MSE B 58 7.74 -7.76 -8.40
CA MSE B 58 8.72 -6.79 -7.92
CA MSE B 58 8.80 -6.87 -7.87
C MSE B 58 9.87 -6.47 -8.87
O MSE B 58 10.69 -5.59 -8.58
CB MSE B 58 9.20 -7.19 -6.52
CB MSE B 58 9.52 -7.53 -6.69
CG MSE B 58 8.10 -7.02 -5.49
CG MSE B 58 8.65 -7.76 -5.49
SE MSE B 58 7.54 -5.17 -5.15
SE MSE B 58 8.13 -6.09 -4.68
CE MSE B 58 6.02 -4.97 -6.38
CE MSE B 58 9.76 -5.80 -3.51
N ALA B 59 9.91 -7.11 -10.04
CA ALA B 59 10.91 -6.87 -11.09
C ALA B 59 10.56 -5.73 -12.02
N LYS B 60 9.27 -5.65 -12.40
CA LYS B 60 8.76 -4.57 -13.27
C LYS B 60 7.66 -3.72 -12.66
N GLY B 61 7.13 -4.14 -11.51
CA GLY B 61 6.04 -3.45 -10.88
C GLY B 61 4.73 -3.62 -11.62
N GLY B 62 4.59 -4.71 -12.36
CA GLY B 62 3.35 -5.03 -13.04
C GLY B 62 2.31 -5.75 -12.20
N VAL B 63 1.05 -5.36 -12.32
CA VAL B 63 -0.02 -6.05 -11.61
C VAL B 63 -0.38 -7.30 -12.41
N VAL B 64 -0.28 -8.46 -11.76
CA VAL B 64 -0.57 -9.76 -12.36
C VAL B 64 -1.96 -10.26 -11.97
N TYR B 65 -2.55 -9.65 -10.93
CA TYR B 65 -3.84 -10.06 -10.43
C TYR B 65 -4.45 -8.89 -9.69
N GLU B 66 -5.70 -8.56 -10.04
CA GLU B 66 -6.49 -7.62 -9.27
C GLU B 66 -7.95 -8.06 -9.29
N ASN B 67 -8.58 -7.99 -8.12
CA ASN B 67 -9.93 -8.51 -7.97
C ASN B 67 -10.63 -7.66 -6.93
N ASP B 68 -11.80 -7.14 -7.31
CA ASP B 68 -12.69 -6.48 -6.37
C ASP B 68 -13.65 -7.49 -5.83
N ILE B 69 -13.59 -7.70 -4.52
CA ILE B 69 -14.37 -8.73 -3.86
C ILE B 69 -15.44 -8.10 -2.97
N PRO B 70 -16.73 -8.34 -3.29
CA PRO B 70 -17.78 -7.78 -2.43
C PRO B 70 -17.71 -8.36 -1.01
N GLU B 71 -18.17 -7.59 -0.04
CA GLU B 71 -18.15 -7.98 1.37
C GLU B 71 -18.63 -9.38 1.60
N VAL B 72 -19.75 -9.72 0.96
CA VAL B 72 -20.38 -11.02 1.13
C VAL B 72 -19.49 -12.18 0.70
N GLN B 73 -18.56 -11.92 -0.22
CA GLN B 73 -17.60 -12.92 -0.70
C GLN B 73 -16.21 -12.80 -0.06
N SER B 74 -16.04 -11.91 0.91
CA SER B 74 -14.70 -11.59 1.41
C SER B 74 -14.13 -12.52 2.48
N ALA B 75 -14.89 -13.51 2.93
CA ALA B 75 -14.43 -14.41 4.00
C ALA B 75 -13.31 -15.35 3.60
N TYR B 76 -13.22 -15.64 2.31
CA TYR B 76 -12.37 -16.73 1.84
C TYR B 76 -12.18 -16.61 0.35
N ILE B 77 -10.91 -16.55 -0.06
CA ILE B 77 -10.53 -16.38 -1.45
C ILE B 77 -9.31 -17.27 -1.65
N THR B 78 -9.30 -17.99 -2.76
CA THR B 78 -8.07 -18.66 -3.21
C THR B 78 -7.61 -18.10 -4.55
N ILE B 79 -6.29 -18.03 -4.71
CA ILE B 79 -5.65 -17.43 -5.88
C ILE B 79 -4.53 -18.39 -6.29
N SER B 80 -4.61 -18.89 -7.52
CA SER B 80 -3.54 -19.72 -8.05
C SER B 80 -2.39 -18.84 -8.44
N ILE B 81 -1.23 -19.13 -7.87
CA ILE B 81 0.01 -18.48 -8.29
C ILE B 81 0.87 -19.37 -9.21
N ALA B 82 0.32 -20.50 -9.63
CA ALA B 82 1.08 -21.56 -10.31
C ALA B 82 1.66 -21.11 -11.63
N ASN B 83 0.98 -20.14 -12.26
CA ASN B 83 1.40 -19.64 -13.58
C ASN B 83 1.95 -18.22 -13.51
N PHE B 84 2.20 -17.71 -12.31
CA PHE B 84 3.00 -16.50 -12.17
C PHE B 84 4.46 -16.88 -12.41
N PRO B 85 5.23 -16.03 -13.12
CA PRO B 85 6.66 -16.31 -13.19
C PRO B 85 7.36 -16.37 -11.84
N ALA B 86 8.44 -17.14 -11.78
CA ALA B 86 9.28 -17.18 -10.59
C ALA B 86 9.80 -15.77 -10.31
N GLU B 87 9.39 -15.20 -9.19
CA GLU B 87 9.69 -13.81 -8.84
C GLU B 87 9.14 -13.53 -7.45
N GLU B 88 9.53 -12.41 -6.83
CA GLU B 88 8.89 -11.92 -5.60
C GLU B 88 7.71 -11.02 -5.99
N TYR B 89 6.62 -11.15 -5.22
CA TYR B 89 5.40 -10.45 -5.45
C TYR B 89 5.00 -9.68 -4.21
N LYS B 90 4.42 -8.49 -4.44
CA LYS B 90 3.74 -7.72 -3.39
C LYS B 90 2.23 -8.02 -3.43
N LEU B 91 1.67 -8.35 -2.27
CA LEU B 91 0.29 -8.66 -2.10
C LEU B 91 -0.33 -7.52 -1.27
N GLU B 92 -1.36 -6.90 -1.81
CA GLU B 92 -2.06 -5.78 -1.18
C GLU B 92 -3.52 -6.13 -1.05
N ILE B 93 -4.04 -5.95 0.17
CA ILE B 93 -5.44 -6.18 0.47
C ILE B 93 -5.95 -4.85 0.98
N THR B 94 -6.90 -4.27 0.25
CA THR B 94 -7.44 -2.96 0.61
C THR B 94 -8.92 -3.08 0.87
N GLY B 95 -9.40 -2.25 1.78
CA GLY B 95 -10.82 -2.21 2.09
C GLY B 95 -11.40 -0.87 1.71
N THR B 96 -12.71 -0.87 1.51
CA THR B 96 -13.47 0.34 1.25
C THR B 96 -14.49 0.57 2.37
N PRO B 97 -14.53 1.80 2.92
CA PRO B 97 -13.69 2.95 2.55
C PRO B 97 -12.25 2.92 3.05
N SER B 98 -11.92 1.99 3.94
CA SER B 98 -10.57 1.91 4.46
C SER B 98 -10.06 0.52 4.88
N GLY B 99 -8.76 0.44 5.14
CA GLY B 99 -8.03 -0.79 5.41
C GLY B 99 -6.99 -1.03 4.32
N HIS B 100 -5.75 -1.34 4.72
CA HIS B 100 -4.69 -1.53 3.77
C HIS B 100 -3.61 -2.40 4.41
N LEU B 101 -3.46 -3.60 3.88
CA LEU B 101 -2.51 -4.58 4.38
C LEU B 101 -1.62 -4.97 3.22
N THR B 102 -0.34 -5.12 3.52
CA THR B 102 0.64 -5.50 2.53
C THR B 102 1.49 -6.64 3.02
N GLY B 103 1.81 -7.57 2.12
CA GLY B 103 2.72 -8.64 2.40
C GLY B 103 3.49 -8.95 1.13
N TYR B 104 4.44 -9.86 1.25
CA TYR B 104 5.27 -10.26 0.12
C TYR B 104 5.43 -11.76 0.12
N PHE B 105 5.51 -12.32 -1.06
CA PHE B 105 5.77 -13.75 -1.19
C PHE B 105 6.56 -13.99 -2.46
N THR B 106 7.25 -15.11 -2.48
CA THR B 106 8.08 -15.46 -3.61
C THR B 106 7.58 -16.74 -4.25
N LYS B 107 7.40 -16.69 -5.57
CA LYS B 107 7.05 -17.87 -6.35
CA LYS B 107 7.06 -17.86 -6.37
C LYS B 107 8.35 -18.48 -6.89
N GLU B 108 8.51 -19.78 -6.66
CA GLU B 108 9.66 -20.52 -7.10
C GLU B 108 9.28 -21.44 -8.24
#